data_6HPR
#
_entry.id   6HPR
#
_cell.length_a   79.190
_cell.length_b   53.600
_cell.length_c   78.540
_cell.angle_alpha   90.00
_cell.angle_beta   107.57
_cell.angle_gamma   90.00
#
_symmetry.space_group_name_H-M   'C 1 2 1'
#
loop_
_entity.id
_entity.type
_entity.pdbx_description
1 polymer 'Baculoviral IAP repeat-containing protein 2'
2 polymer Polyubiquitin-B
3 polymer 'Ubiquitin-conjugating enzyme E2 D2'
4 non-polymer 'ZINC ION'
5 water water
#
loop_
_entity_poly.entity_id
_entity_poly.type
_entity_poly.pdbx_seq_one_letter_code
_entity_poly.pdbx_strand_id
1 'polypeptide(L)' GSLSLEEQLRRLQEERTCKVCMDKEVSVVFIPCGHLVVCQECAPSLRKCPICRGIIKGTVRTFLS A
2 'polypeptide(L)'
;GSGGSMQIFVKTLTGKTITLEVEPSDTIENVKAKIQDKEGIPPDQQRLIFAGKQLEDGRTLSDYNIQKESTLHLVLRLRG
G
;
B,D
3 'polypeptide(L)'
;MALKRIHKELNDLARDPPAQCSAGPVGDDMFHWQATIMGPNDSPYQGGVFFLTIHFPTDYPFKPPKVAFTTRIYHPNINS
NGSIKLDILRSQWSPALTISKVLLSICSLLCDPNPDDPLVPEIARIYKTDREKYNRIAREWTQKYAM
;
C
#
# COMPACT_ATOMS: atom_id res chain seq x y z
N LEU A 3 8.19 -11.54 -15.50
CA LEU A 3 8.86 -12.80 -15.21
C LEU A 3 10.10 -13.02 -16.08
N SER A 4 10.80 -11.93 -16.41
CA SER A 4 12.01 -12.03 -17.21
C SER A 4 13.15 -12.61 -16.40
N LEU A 5 14.24 -12.97 -17.09
CA LEU A 5 15.40 -13.54 -16.39
C LEU A 5 16.00 -12.55 -15.41
N GLU A 6 16.01 -11.27 -15.76
CA GLU A 6 16.48 -10.26 -14.81
C GLU A 6 15.51 -10.09 -13.66
N GLU A 7 14.20 -10.04 -13.96
CA GLU A 7 13.20 -9.93 -12.91
C GLU A 7 13.23 -11.14 -11.98
N GLN A 8 13.56 -12.32 -12.51
CA GLN A 8 13.68 -13.48 -11.64
C GLN A 8 14.98 -13.44 -10.83
N LEU A 9 16.08 -13.02 -11.46
CA LEU A 9 17.33 -12.91 -10.72
C LEU A 9 17.24 -11.86 -9.64
N ARG A 10 16.56 -10.75 -9.92
CA ARG A 10 16.36 -9.72 -8.90
C ARG A 10 15.52 -10.24 -7.74
N ARG A 11 14.45 -10.99 -8.04
CA ARG A 11 13.61 -11.53 -6.99
C ARG A 11 14.35 -12.54 -6.14
N LEU A 12 15.29 -13.29 -6.72
CA LEU A 12 16.08 -14.21 -5.91
C LEU A 12 17.09 -13.46 -5.05
N GLN A 13 17.66 -12.37 -5.57
CA GLN A 13 18.59 -11.60 -4.76
C GLN A 13 17.88 -10.82 -3.67
N GLU A 14 16.74 -10.20 -3.99
CA GLU A 14 15.97 -9.51 -2.96
C GLU A 14 15.52 -10.47 -1.86
N GLU A 15 15.17 -11.70 -2.23
CA GLU A 15 14.75 -12.68 -1.23
C GLU A 15 15.87 -13.01 -0.25
N ARG A 16 17.12 -12.96 -0.69
CA ARG A 16 18.24 -13.23 0.20
C ARG A 16 18.67 -12.01 1.01
N THR A 17 18.04 -10.86 0.79
CA THR A 17 18.51 -9.58 1.31
C THR A 17 17.73 -9.13 2.55
N CYS A 18 18.45 -8.48 3.46
CA CYS A 18 17.86 -8.00 4.71
C CYS A 18 16.61 -7.17 4.44
N LYS A 19 15.53 -7.47 5.15
CA LYS A 19 14.27 -6.77 4.95
C LYS A 19 14.17 -5.47 5.74
N VAL A 20 15.20 -5.11 6.49
CA VAL A 20 15.21 -3.85 7.23
C VAL A 20 16.07 -2.86 6.45
N CYS A 21 17.39 -3.09 6.39
CA CYS A 21 18.26 -2.17 5.66
C CYS A 21 18.21 -2.38 4.15
N MET A 22 17.75 -3.55 3.69
CA MET A 22 17.65 -3.85 2.26
C MET A 22 18.99 -3.69 1.55
N ASP A 23 20.08 -3.94 2.26
CA ASP A 23 21.41 -3.77 1.67
C ASP A 23 22.25 -5.03 1.78
N LYS A 24 22.38 -5.61 2.97
CA LYS A 24 23.20 -6.78 3.19
C LYS A 24 22.36 -8.05 3.17
N GLU A 25 23.02 -9.18 2.98
CA GLU A 25 22.27 -10.43 2.91
C GLU A 25 21.84 -10.86 4.31
N VAL A 26 20.72 -11.58 4.37
CA VAL A 26 20.21 -12.05 5.63
C VAL A 26 21.20 -13.04 6.22
N SER A 27 21.33 -13.01 7.55
CA SER A 27 22.30 -13.92 8.14
C SER A 27 21.93 -14.34 9.56
N VAL A 28 20.73 -14.05 10.05
CA VAL A 28 20.36 -14.31 11.41
C VAL A 28 18.96 -14.90 11.41
N VAL A 29 18.72 -15.98 12.15
CA VAL A 29 17.36 -16.49 12.26
C VAL A 29 16.89 -16.19 13.67
N PHE A 30 15.65 -15.69 13.79
CA PHE A 30 15.08 -15.45 15.09
C PHE A 30 14.52 -16.73 15.69
N ILE A 31 14.79 -16.93 16.98
CA ILE A 31 14.24 -18.03 17.76
C ILE A 31 13.24 -17.44 18.75
N PRO A 32 12.02 -18.00 18.83
CA PRO A 32 11.52 -19.22 18.18
C PRO A 32 10.71 -19.04 16.90
N CYS A 33 10.50 -17.82 16.44
CA CYS A 33 9.56 -17.66 15.32
C CYS A 33 10.14 -18.20 14.02
N GLY A 34 11.47 -18.25 13.90
CA GLY A 34 12.09 -18.83 12.74
C GLY A 34 12.18 -17.94 11.53
N HIS A 35 11.86 -16.65 11.64
CA HIS A 35 11.98 -15.81 10.47
C HIS A 35 13.43 -15.43 10.26
N LEU A 36 13.86 -15.52 9.02
CA LEU A 36 15.23 -15.24 8.61
C LEU A 36 15.09 -13.97 7.80
N VAL A 37 15.21 -12.82 8.46
CA VAL A 37 14.87 -11.64 7.68
C VAL A 37 15.85 -10.49 7.85
N VAL A 38 16.87 -10.62 8.73
CA VAL A 38 17.77 -9.50 8.90
C VAL A 38 19.24 -9.94 8.83
N CYS A 39 20.09 -8.93 8.58
CA CYS A 39 21.52 -9.11 8.64
C CYS A 39 22.01 -8.88 10.07
N GLN A 40 23.31 -9.11 10.27
CA GLN A 40 23.88 -8.96 11.61
C GLN A 40 24.01 -7.50 12.03
N GLU A 41 23.97 -6.56 11.10
CA GLU A 41 24.03 -5.15 11.50
C GLU A 41 22.69 -4.63 11.99
N CYS A 42 21.58 -5.15 11.45
CA CYS A 42 20.26 -4.71 11.87
C CYS A 42 19.76 -5.45 13.11
N ALA A 43 20.16 -6.71 13.29
CA ALA A 43 19.59 -7.51 14.37
C ALA A 43 19.77 -6.91 15.77
N PRO A 44 20.91 -6.34 16.16
CA PRO A 44 21.05 -5.91 17.56
C PRO A 44 20.03 -4.85 17.97
N SER A 45 19.43 -4.15 17.01
CA SER A 45 18.46 -3.09 17.29
C SER A 45 17.05 -3.60 17.55
N LEU A 46 16.80 -4.90 17.41
CA LEU A 46 15.45 -5.45 17.37
C LEU A 46 15.17 -6.32 18.58
N ARG A 47 14.01 -6.10 19.21
CA ARG A 47 13.50 -6.96 20.26
C ARG A 47 12.32 -7.82 19.83
N LYS A 48 11.63 -7.43 18.76
CA LYS A 48 10.52 -8.16 18.19
C LYS A 48 10.79 -8.42 16.72
N CYS A 49 10.28 -9.52 16.21
CA CYS A 49 10.45 -9.83 14.81
C CYS A 49 9.70 -8.81 13.95
N PRO A 50 10.33 -8.23 12.93
CA PRO A 50 9.62 -7.26 12.09
C PRO A 50 8.52 -7.87 11.24
N ILE A 51 8.54 -9.19 11.03
CA ILE A 51 7.58 -9.85 10.15
C ILE A 51 6.35 -10.33 10.92
N CYS A 52 6.52 -10.87 12.14
CA CYS A 52 5.39 -11.45 12.86
C CYS A 52 5.20 -10.86 14.25
N ARG A 53 6.06 -9.93 14.68
CA ARG A 53 6.01 -9.25 15.97
C ARG A 53 6.28 -10.20 17.12
N GLY A 54 6.72 -11.42 16.83
CA GLY A 54 7.06 -12.33 17.90
C GLY A 54 8.27 -11.84 18.68
N ILE A 55 8.26 -12.13 19.98
CA ILE A 55 9.39 -11.79 20.81
C ILE A 55 10.59 -12.59 20.34
N ILE A 56 11.74 -11.94 20.26
CA ILE A 56 12.97 -12.61 19.86
C ILE A 56 13.65 -13.10 21.13
N LYS A 57 13.71 -14.42 21.32
CA LYS A 57 14.36 -14.96 22.51
C LYS A 57 15.81 -15.34 22.25
N GLY A 58 16.19 -15.47 20.99
CA GLY A 58 17.56 -15.78 20.63
C GLY A 58 17.73 -15.56 19.15
N THR A 59 18.98 -15.41 18.74
CA THR A 59 19.31 -15.22 17.32
C THR A 59 20.47 -16.13 16.98
N VAL A 60 20.29 -16.98 15.98
CA VAL A 60 21.31 -17.92 15.55
C VAL A 60 21.89 -17.42 14.24
N ARG A 61 23.22 -17.39 14.14
CA ARG A 61 23.81 -17.00 12.87
C ARG A 61 23.63 -18.14 11.90
N THR A 62 23.10 -17.84 10.72
CA THR A 62 22.79 -18.88 9.77
CA THR A 62 22.74 -18.83 9.75
C THR A 62 23.69 -18.78 8.55
N PHE A 63 23.90 -19.94 7.94
CA PHE A 63 24.72 -20.09 6.75
C PHE A 63 23.94 -20.96 5.79
N LEU A 64 23.55 -20.39 4.65
CA LEU A 64 23.08 -21.19 3.52
C LEU A 64 24.28 -21.78 2.80
N SER A 65 24.59 -23.04 3.10
CA SER A 65 25.70 -23.73 2.46
C SER A 65 25.35 -24.06 1.01
N GLY B 3 5.61 1.13 -32.55
CA GLY B 3 5.11 2.44 -32.94
C GLY B 3 5.57 3.55 -32.01
N GLY B 4 5.61 3.25 -30.72
CA GLY B 4 6.00 4.22 -29.71
C GLY B 4 7.46 4.14 -29.34
N SER B 5 8.04 5.29 -28.99
CA SER B 5 9.42 5.34 -28.54
C SER B 5 9.61 4.61 -27.21
N MET B 6 8.61 4.63 -26.35
CA MET B 6 8.71 3.94 -25.08
C MET B 6 7.31 3.48 -24.66
N GLN B 7 7.26 2.43 -23.86
CA GLN B 7 6.00 1.97 -23.30
C GLN B 7 5.89 2.43 -21.84
N ILE B 8 4.68 2.85 -21.45
CA ILE B 8 4.35 3.09 -20.06
C ILE B 8 3.11 2.27 -19.73
N PHE B 9 2.84 2.12 -18.44
CA PHE B 9 1.70 1.32 -18.00
C PHE B 9 0.73 2.19 -17.22
N VAL B 10 -0.55 1.85 -17.32
CA VAL B 10 -1.63 2.58 -16.65
C VAL B 10 -2.46 1.57 -15.86
N LYS B 11 -2.49 1.73 -14.54
CA LYS B 11 -3.20 0.84 -13.65
C LYS B 11 -4.52 1.48 -13.21
N THR B 12 -5.60 0.68 -13.24
CA THR B 12 -6.91 1.12 -12.81
C THR B 12 -7.15 0.69 -11.38
N LEU B 13 -8.24 1.20 -10.79
CA LEU B 13 -8.51 0.92 -9.39
C LEU B 13 -8.75 -0.57 -9.14
N THR B 14 -9.16 -1.31 -10.19
CA THR B 14 -9.40 -2.74 -10.11
C THR B 14 -8.13 -3.56 -10.24
N GLY B 15 -7.00 -2.91 -10.53
CA GLY B 15 -5.78 -3.62 -10.71
C GLY B 15 -5.42 -3.93 -12.15
N LYS B 16 -6.36 -3.76 -13.08
CA LYS B 16 -6.04 -3.94 -14.50
C LYS B 16 -4.98 -2.94 -14.94
N THR B 17 -3.95 -3.44 -15.61
CA THR B 17 -2.89 -2.60 -16.16
C THR B 17 -2.97 -2.61 -17.67
N ILE B 18 -2.95 -1.44 -18.28
CA ILE B 18 -2.93 -1.32 -19.74
C ILE B 18 -1.58 -0.76 -20.16
N THR B 19 -1.13 -1.17 -21.34
CA THR B 19 0.14 -0.72 -21.91
C THR B 19 -0.12 0.35 -22.96
N LEU B 20 0.65 1.43 -22.92
CA LEU B 20 0.52 2.51 -23.88
C LEU B 20 1.87 2.73 -24.57
N GLU B 21 1.80 3.03 -25.87
CA GLU B 21 2.96 3.43 -26.64
C GLU B 21 2.99 4.96 -26.66
N VAL B 22 4.05 5.55 -26.11
CA VAL B 22 4.15 6.99 -25.92
C VAL B 22 5.54 7.46 -26.31
N GLU B 23 5.68 8.78 -26.39
CA GLU B 23 6.93 9.53 -26.57
C GLU B 23 7.17 10.39 -25.33
N PRO B 24 8.43 10.58 -24.93
CA PRO B 24 8.69 11.43 -23.75
C PRO B 24 8.10 12.83 -23.86
N SER B 25 7.96 13.35 -25.08
CA SER B 25 7.41 14.68 -25.29
C SER B 25 5.89 14.71 -25.30
N ASP B 26 5.23 13.56 -25.19
CA ASP B 26 3.78 13.53 -25.16
C ASP B 26 3.26 14.29 -23.94
N THR B 27 2.20 15.06 -24.14
CA THR B 27 1.56 15.76 -23.04
C THR B 27 0.57 14.82 -22.33
N ILE B 28 0.22 15.21 -21.10
CA ILE B 28 -0.76 14.43 -20.34
C ILE B 28 -2.09 14.37 -21.10
N GLU B 29 -2.41 15.44 -21.83
CA GLU B 29 -3.62 15.45 -22.66
C GLU B 29 -3.57 14.37 -23.72
N ASN B 30 -2.40 14.19 -24.35
CA ASN B 30 -2.23 13.13 -25.34
C ASN B 30 -2.44 11.76 -24.74
N VAL B 31 -1.93 11.55 -23.52
CA VAL B 31 -2.05 10.25 -22.87
C VAL B 31 -3.51 9.93 -22.59
N LYS B 32 -4.26 10.93 -22.14
CA LYS B 32 -5.69 10.72 -21.90
C LYS B 32 -6.43 10.36 -23.17
N ALA B 33 -5.99 10.91 -24.31
CA ALA B 33 -6.62 10.52 -25.57
C ALA B 33 -6.29 9.09 -25.93
N LYS B 34 -5.05 8.66 -25.68
CA LYS B 34 -4.69 7.27 -25.91
C LYS B 34 -5.45 6.35 -24.97
N ILE B 35 -5.70 6.80 -23.74
CA ILE B 35 -6.47 6.00 -22.79
C ILE B 35 -7.90 5.83 -23.29
N GLN B 36 -8.49 6.89 -23.83
CA GLN B 36 -9.84 6.82 -24.38
C GLN B 36 -9.90 5.83 -25.53
N ASP B 37 -8.81 5.76 -26.31
CA ASP B 37 -8.76 4.84 -27.45
C ASP B 37 -8.71 3.40 -26.97
N LYS B 38 -7.88 3.10 -25.97
CA LYS B 38 -7.74 1.73 -25.51
C LYS B 38 -8.88 1.30 -24.59
N GLU B 39 -9.28 2.17 -23.66
CA GLU B 39 -10.19 1.80 -22.60
C GLU B 39 -11.58 2.42 -22.72
N GLY B 40 -11.78 3.36 -23.64
CA GLY B 40 -13.10 3.96 -23.82
C GLY B 40 -13.51 4.93 -22.74
N ILE B 41 -12.57 5.49 -21.99
CA ILE B 41 -12.83 6.46 -20.93
C ILE B 41 -12.64 7.86 -21.51
N PRO B 42 -13.65 8.71 -21.49
CA PRO B 42 -13.46 10.08 -22.02
C PRO B 42 -12.44 10.85 -21.20
N PRO B 43 -11.62 11.69 -21.87
CA PRO B 43 -10.56 12.43 -21.15
C PRO B 43 -11.04 13.24 -19.96
N ASP B 44 -12.21 13.90 -20.04
CA ASP B 44 -12.64 14.75 -18.94
C ASP B 44 -13.06 13.96 -17.72
N GLN B 45 -13.15 12.64 -17.82
CA GLN B 45 -13.44 11.79 -16.66
C GLN B 45 -12.21 11.16 -16.06
N GLN B 46 -11.02 11.45 -16.62
CA GLN B 46 -9.78 10.81 -16.19
C GLN B 46 -8.99 11.71 -15.26
N ARG B 47 -8.54 11.15 -14.14
CA ARG B 47 -7.50 11.74 -13.32
C ARG B 47 -6.29 10.81 -13.40
N LEU B 48 -5.14 11.35 -13.81
CA LEU B 48 -3.90 10.58 -13.89
C LEU B 48 -2.99 10.96 -12.74
N ILE B 49 -2.41 9.95 -12.10
CA ILE B 49 -1.56 10.13 -10.93
C ILE B 49 -0.24 9.43 -11.21
N PHE B 50 0.86 10.11 -10.88
CA PHE B 50 2.17 9.47 -10.95
C PHE B 50 2.99 9.93 -9.76
N ALA B 51 3.55 8.96 -9.03
CA ALA B 51 4.50 9.24 -7.98
C ALA B 51 3.95 10.29 -7.00
N GLY B 52 2.68 10.13 -6.65
CA GLY B 52 2.05 10.96 -5.64
C GLY B 52 1.50 12.28 -6.13
N LYS B 53 1.57 12.56 -7.44
CA LYS B 53 1.13 13.83 -8.00
C LYS B 53 -0.01 13.61 -8.98
N GLN B 54 -1.02 14.49 -8.95
CA GLN B 54 -2.01 14.52 -10.03
C GLN B 54 -1.40 15.30 -11.19
N LEU B 55 -1.51 14.74 -12.40
CA LEU B 55 -0.77 15.26 -13.55
C LEU B 55 -1.58 16.29 -14.29
N GLU B 56 -0.94 17.41 -14.63
CA GLU B 56 -1.62 18.52 -15.30
C GLU B 56 -1.53 18.36 -16.81
N ASP B 57 -2.61 18.76 -17.50
CA ASP B 57 -2.78 18.44 -18.92
C ASP B 57 -1.66 19.00 -19.80
N GLY B 58 -1.19 20.21 -19.50
CA GLY B 58 -0.27 20.86 -20.43
C GLY B 58 1.18 20.42 -20.36
N ARG B 59 1.55 19.66 -19.35
CA ARG B 59 2.94 19.23 -19.14
C ARG B 59 3.21 17.93 -19.87
N THR B 60 4.49 17.62 -20.03
CA THR B 60 4.90 16.43 -20.77
C THR B 60 5.21 15.28 -19.80
N LEU B 61 5.29 14.07 -20.36
CA LEU B 61 5.72 12.94 -19.56
C LEU B 61 7.10 13.19 -18.96
N SER B 62 8.03 13.74 -19.75
CA SER B 62 9.36 14.01 -19.24
C SER B 62 9.32 15.01 -18.10
N ASP B 63 8.43 16.01 -18.18
CA ASP B 63 8.30 17.01 -17.13
C ASP B 63 8.02 16.38 -15.78
N TYR B 64 7.33 15.24 -15.77
CA TYR B 64 6.96 14.56 -14.54
C TYR B 64 7.88 13.39 -14.21
N ASN B 65 9.02 13.27 -14.90
CA ASN B 65 9.98 12.20 -14.66
C ASN B 65 9.39 10.82 -14.96
N ILE B 66 8.46 10.75 -15.89
CA ILE B 66 7.88 9.49 -16.33
C ILE B 66 8.78 8.92 -17.41
N GLN B 67 9.28 7.71 -17.20
CA GLN B 67 10.24 7.13 -18.11
C GLN B 67 9.71 5.80 -18.61
N LYS B 68 10.52 5.12 -19.41
CA LYS B 68 10.03 3.85 -19.95
C LYS B 68 9.70 2.91 -18.80
N GLU B 69 8.60 2.17 -18.96
CA GLU B 69 8.10 1.21 -17.99
C GLU B 69 7.56 1.86 -16.71
N SER B 70 7.43 3.18 -16.66
CA SER B 70 6.74 3.82 -15.54
C SER B 70 5.28 3.41 -15.54
N THR B 71 4.68 3.39 -14.34
CA THR B 71 3.27 3.06 -14.16
C THR B 71 2.53 4.28 -13.64
N LEU B 72 1.49 4.68 -14.34
CA LEU B 72 0.61 5.76 -13.90
C LEU B 72 -0.69 5.15 -13.38
N HIS B 73 -1.39 5.91 -12.54
CA HIS B 73 -2.69 5.49 -12.04
C HIS B 73 -3.79 6.22 -12.79
N LEU B 74 -4.78 5.46 -13.27
CA LEU B 74 -5.99 6.01 -13.86
C LEU B 74 -7.09 5.99 -12.80
N VAL B 75 -7.53 7.18 -12.38
CA VAL B 75 -8.59 7.31 -11.40
C VAL B 75 -9.79 7.97 -12.08
N LEU B 76 -10.91 7.28 -12.10
CA LEU B 76 -12.09 7.83 -12.72
C LEU B 76 -12.80 8.78 -11.76
N ARG B 77 -13.37 9.84 -12.31
CA ARG B 77 -14.24 10.66 -11.50
C ARG B 77 -15.52 9.90 -11.24
N LEU B 78 -16.07 10.09 -10.05
CA LEU B 78 -17.28 9.37 -9.68
C LEU B 78 -18.32 9.52 -10.75
N ARG B 79 -18.74 8.40 -11.33
CA ARG B 79 -19.77 8.44 -12.34
C ARG B 79 -21.04 7.91 -11.74
N ALA C 2 19.29 5.69 5.82
CA ALA C 2 17.90 5.81 5.45
C ALA C 2 17.80 5.97 3.96
N LEU C 3 18.73 6.73 3.38
CA LEU C 3 18.62 7.07 1.96
C LEU C 3 18.60 5.82 1.08
N LYS C 4 19.52 4.87 1.30
CA LYS C 4 19.56 3.74 0.38
C LYS C 4 18.26 2.95 0.41
N ARG C 5 17.71 2.73 1.61
CA ARG C 5 16.46 2.00 1.66
C ARG C 5 15.34 2.81 1.01
N ILE C 6 15.34 4.13 1.22
CA ILE C 6 14.29 4.94 0.64
C ILE C 6 14.35 4.88 -0.90
N HIS C 7 15.56 4.91 -1.47
CA HIS C 7 15.70 4.80 -2.92
C HIS C 7 15.21 3.45 -3.42
N LYS C 8 15.51 2.38 -2.67
CA LYS C 8 15.03 1.06 -3.05
C LYS C 8 13.51 1.00 -3.05
N GLU C 9 12.87 1.57 -2.03
CA GLU C 9 11.40 1.58 -1.97
C GLU C 9 10.83 2.33 -3.15
N LEU C 10 11.42 3.48 -3.48
CA LEU C 10 10.96 4.24 -4.63
C LEU C 10 11.07 3.41 -5.90
N ASN C 11 12.23 2.77 -6.10
CA ASN C 11 12.41 1.94 -7.28
C ASN C 11 11.46 0.76 -7.26
N ASP C 12 11.29 0.13 -6.09
CA ASP C 12 10.38 -1.02 -6.00
C ASP C 12 8.96 -0.60 -6.29
N LEU C 13 8.58 0.65 -5.91
CA LEU C 13 7.24 1.16 -6.23
C LEU C 13 7.04 1.33 -7.73
N ALA C 14 8.00 2.00 -8.38
CA ALA C 14 7.91 2.25 -9.81
C ALA C 14 7.65 0.98 -10.60
N ARG C 15 8.29 -0.12 -10.19
CA ARG C 15 8.09 -1.36 -10.91
C ARG C 15 6.65 -1.84 -10.81
N ASP C 16 6.02 -1.67 -9.63
CA ASP C 16 4.72 -2.29 -9.40
C ASP C 16 3.99 -1.63 -8.24
N PRO C 17 3.40 -0.45 -8.43
CA PRO C 17 2.68 0.20 -7.32
C PRO C 17 1.33 -0.46 -7.10
N PRO C 18 0.82 -0.42 -5.87
CA PRO C 18 -0.54 -0.92 -5.64
C PRO C 18 -1.56 -0.07 -6.36
N ALA C 19 -2.70 -0.68 -6.66
CA ALA C 19 -3.79 0.06 -7.29
C ALA C 19 -4.25 1.22 -6.42
N GLN C 20 -4.18 1.07 -5.10
CA GLN C 20 -4.84 2.01 -4.19
C GLN C 20 -4.03 3.26 -3.89
N CYS C 21 -2.73 3.31 -4.19
CA CYS C 21 -1.94 4.43 -3.71
C CYS C 21 -0.77 4.71 -4.63
N SER C 22 -0.15 5.87 -4.42
CA SER C 22 0.95 6.33 -5.23
C SER C 22 1.81 7.23 -4.36
N ALA C 23 3.12 7.24 -4.58
CA ALA C 23 3.95 8.09 -3.73
C ALA C 23 5.30 8.36 -4.39
N GLY C 24 5.89 9.51 -4.05
CA GLY C 24 7.24 9.82 -4.46
C GLY C 24 7.76 11.12 -3.87
N PRO C 25 9.05 11.40 -4.10
CA PRO C 25 9.66 12.59 -3.52
C PRO C 25 8.99 13.89 -3.96
N VAL C 26 9.03 14.87 -3.06
CA VAL C 26 8.74 16.26 -3.38
C VAL C 26 10.05 16.93 -3.77
N GLY C 27 10.13 17.39 -5.02
CA GLY C 27 11.32 18.10 -5.45
C GLY C 27 12.56 17.25 -5.32
N ASP C 28 13.65 17.86 -4.84
CA ASP C 28 14.96 17.22 -4.81
C ASP C 28 15.27 16.62 -3.45
N ASP C 29 14.26 16.30 -2.64
CA ASP C 29 14.43 15.93 -1.24
C ASP C 29 13.88 14.52 -1.02
N MET C 30 14.78 13.54 -0.94
CA MET C 30 14.35 12.15 -0.78
C MET C 30 13.70 11.88 0.57
N PHE C 31 13.84 12.78 1.54
CA PHE C 31 13.25 12.53 2.85
C PHE C 31 11.83 13.06 2.97
N HIS C 32 11.32 13.75 1.96
CA HIS C 32 9.99 14.34 2.00
C HIS C 32 9.25 13.92 0.75
N TRP C 33 8.21 13.11 0.94
CA TRP C 33 7.42 12.57 -0.15
C TRP C 33 5.99 13.10 -0.09
N GLN C 34 5.31 13.01 -1.22
CA GLN C 34 3.88 13.25 -1.32
C GLN C 34 3.24 11.94 -1.76
N ALA C 35 2.03 11.68 -1.32
CA ALA C 35 1.38 10.42 -1.63
C ALA C 35 -0.09 10.66 -1.90
N THR C 36 -0.70 9.72 -2.61
CA THR C 36 -2.15 9.71 -2.83
C THR C 36 -2.71 8.38 -2.35
N ILE C 37 -3.86 8.44 -1.67
CA ILE C 37 -4.67 7.26 -1.40
C ILE C 37 -5.99 7.45 -2.13
N MET C 38 -6.37 6.46 -2.92
CA MET C 38 -7.67 6.51 -3.59
C MET C 38 -8.73 5.96 -2.64
N GLY C 39 -9.84 6.67 -2.50
CA GLY C 39 -10.89 6.21 -1.62
C GLY C 39 -11.39 4.86 -2.06
N PRO C 40 -11.62 3.94 -1.12
CA PRO C 40 -12.08 2.60 -1.51
C PRO C 40 -13.42 2.65 -2.24
N ASN C 41 -13.55 1.83 -3.27
CA ASN C 41 -14.84 1.66 -3.93
C ASN C 41 -15.87 1.16 -2.93
N ASP C 42 -17.13 1.57 -3.11
CA ASP C 42 -18.24 1.08 -2.28
C ASP C 42 -18.01 1.50 -0.83
N SER C 43 -17.63 2.76 -0.65
CA SER C 43 -17.45 3.40 0.64
C SER C 43 -17.84 4.85 0.48
N PRO C 44 -18.03 5.59 1.58
CA PRO C 44 -18.33 7.02 1.45
C PRO C 44 -17.20 7.81 0.84
N TYR C 45 -16.00 7.23 0.79
CA TYR C 45 -14.82 7.88 0.24
C TYR C 45 -14.62 7.58 -1.24
N GLN C 46 -15.51 6.80 -1.85
CA GLN C 46 -15.29 6.37 -3.22
C GLN C 46 -15.22 7.57 -4.16
N GLY C 47 -14.32 7.48 -5.15
CA GLY C 47 -14.08 8.57 -6.07
C GLY C 47 -13.16 9.65 -5.53
N GLY C 48 -12.80 9.58 -4.26
CA GLY C 48 -11.90 10.57 -3.69
C GLY C 48 -10.45 10.22 -3.97
N VAL C 49 -9.64 11.27 -4.18
CA VAL C 49 -8.18 11.15 -4.19
C VAL C 49 -7.67 11.99 -3.02
N PHE C 50 -7.02 11.33 -2.06
CA PHE C 50 -6.62 11.96 -0.81
C PHE C 50 -5.10 12.10 -0.78
N PHE C 51 -4.63 13.32 -0.64
CA PHE C 51 -3.18 13.54 -0.64
C PHE C 51 -2.62 13.51 0.77
N LEU C 52 -1.37 13.06 0.87
CA LEU C 52 -0.69 12.94 2.15
C LEU C 52 0.75 13.44 2.01
N THR C 53 1.31 13.85 3.15
CA THR C 53 2.74 14.14 3.27
C THR C 53 3.42 13.03 4.05
N ILE C 54 4.63 12.70 3.63
CA ILE C 54 5.46 11.68 4.28
C ILE C 54 6.80 12.32 4.58
N HIS C 55 7.25 12.20 5.82
CA HIS C 55 8.56 12.68 6.23
C HIS C 55 9.31 11.50 6.83
N PHE C 56 10.37 11.06 6.15
CA PHE C 56 11.20 9.99 6.69
C PHE C 56 12.22 10.60 7.67
N PRO C 57 12.29 10.13 8.91
CA PRO C 57 13.35 10.60 9.81
C PRO C 57 14.69 9.98 9.40
N THR C 58 15.76 10.58 9.92
CA THR C 58 17.08 10.11 9.52
C THR C 58 17.39 8.71 10.04
N ASP C 59 16.67 8.22 11.04
CA ASP C 59 16.88 6.85 11.50
C ASP C 59 15.79 5.89 11.02
N TYR C 60 15.04 6.30 10.01
CA TYR C 60 14.25 5.36 9.22
C TYR C 60 15.19 4.28 8.70
N PRO C 61 14.75 2.99 8.70
CA PRO C 61 13.43 2.47 9.05
C PRO C 61 13.27 2.02 10.49
N PHE C 62 14.24 2.32 11.36
CA PHE C 62 14.11 1.88 12.74
C PHE C 62 13.06 2.69 13.48
N LYS C 63 12.82 3.90 13.02
CA LYS C 63 11.75 4.75 13.49
C LYS C 63 10.75 4.96 12.36
N PRO C 64 9.47 5.13 12.67
CA PRO C 64 8.45 5.23 11.63
C PRO C 64 8.52 6.54 10.86
N PRO C 65 8.03 6.54 9.63
CA PRO C 65 7.82 7.81 8.93
C PRO C 65 6.71 8.58 9.59
N LYS C 66 6.77 9.90 9.45
CA LYS C 66 5.67 10.78 9.84
C LYS C 66 4.75 10.93 8.64
N VAL C 67 3.48 10.58 8.81
CA VAL C 67 2.50 10.58 7.71
C VAL C 67 1.26 11.34 8.16
N ALA C 68 0.78 12.26 7.32
CA ALA C 68 -0.38 13.07 7.65
C ALA C 68 -1.15 13.35 6.38
N PHE C 69 -2.48 13.47 6.49
CA PHE C 69 -3.26 13.88 5.33
C PHE C 69 -3.08 15.37 5.09
N THR C 70 -3.04 15.76 3.81
CA THR C 70 -3.22 17.17 3.49
C THR C 70 -4.63 17.45 2.98
N THR C 71 -5.25 16.46 2.34
CA THR C 71 -6.66 16.58 1.99
C THR C 71 -7.50 16.38 3.24
N ARG C 72 -8.45 17.29 3.48
CA ARG C 72 -9.33 17.09 4.63
C ARG C 72 -10.18 15.83 4.42
N ILE C 73 -10.41 15.09 5.50
CA ILE C 73 -11.13 13.81 5.42
C ILE C 73 -11.90 13.61 6.71
N TYR C 74 -13.10 13.05 6.60
CA TYR C 74 -14.02 12.90 7.73
C TYR C 74 -13.84 11.50 8.31
N HIS C 75 -13.30 11.42 9.54
CA HIS C 75 -12.96 10.11 10.10
C HIS C 75 -12.73 10.20 11.60
N PRO C 76 -13.10 9.18 12.40
CA PRO C 76 -12.91 9.27 13.86
C PRO C 76 -11.45 9.34 14.30
N ASN C 77 -10.52 8.87 13.48
CA ASN C 77 -9.13 8.71 13.92
C ASN C 77 -8.18 9.62 13.14
N ILE C 78 -8.72 10.57 12.39
CA ILE C 78 -7.96 11.54 11.60
C ILE C 78 -8.58 12.91 11.88
N ASN C 79 -7.78 13.86 12.33
CA ASN C 79 -8.39 15.13 12.71
C ASN C 79 -8.35 16.12 11.54
N SER C 80 -8.88 17.34 11.77
CA SER C 80 -9.00 18.38 10.75
CA SER C 80 -8.98 18.26 10.65
C SER C 80 -7.65 18.88 10.25
N ASN C 81 -6.60 18.65 11.02
CA ASN C 81 -5.23 18.98 10.63
C ASN C 81 -4.56 17.87 9.85
N GLY C 82 -5.26 16.77 9.62
CA GLY C 82 -4.69 15.64 8.90
C GLY C 82 -3.89 14.68 9.74
N SER C 83 -3.80 14.91 11.05
CA SER C 83 -3.09 14.00 11.93
CA SER C 83 -3.08 13.99 11.92
C SER C 83 -3.81 12.65 12.02
N ILE C 84 -3.06 11.56 11.90
CA ILE C 84 -3.58 10.20 11.91
C ILE C 84 -3.14 9.57 13.22
N LYS C 85 -4.09 9.13 14.04
CA LYS C 85 -3.73 8.44 15.28
C LYS C 85 -3.88 6.95 15.02
N LEU C 86 -2.74 6.27 14.86
CA LEU C 86 -2.71 4.91 14.34
C LEU C 86 -1.49 4.21 14.92
N ASP C 87 -1.68 3.02 15.51
CA ASP C 87 -0.60 2.46 16.32
C ASP C 87 0.64 2.11 15.48
N ILE C 88 0.47 1.76 14.20
CA ILE C 88 1.66 1.42 13.42
C ILE C 88 2.50 2.65 13.08
N LEU C 89 1.98 3.87 13.26
CA LEU C 89 2.82 5.06 13.11
C LEU C 89 3.51 5.43 14.42
N ARG C 90 3.28 4.64 15.47
CA ARG C 90 3.86 4.94 16.77
C ARG C 90 4.40 3.65 17.37
N SER C 91 3.78 3.17 18.44
CA SER C 91 4.42 2.10 19.22
C SER C 91 4.39 0.75 18.52
N GLN C 92 3.51 0.55 17.54
CA GLN C 92 3.42 -0.73 16.83
C GLN C 92 4.08 -0.69 15.46
N TRP C 93 4.93 0.30 15.22
CA TRP C 93 5.74 0.34 14.00
C TRP C 93 6.54 -0.96 13.86
N SER C 94 6.68 -1.43 12.62
CA SER C 94 7.67 -2.46 12.33
C SER C 94 8.64 -1.96 11.27
N PRO C 95 9.94 -2.17 11.43
CA PRO C 95 10.89 -1.68 10.41
C PRO C 95 10.75 -2.39 9.07
N ALA C 96 9.99 -3.47 8.97
CA ALA C 96 9.81 -4.12 7.68
C ALA C 96 8.68 -3.50 6.87
N LEU C 97 7.84 -2.67 7.49
CA LEU C 97 6.78 -1.96 6.77
C LEU C 97 7.40 -0.96 5.80
N THR C 98 7.09 -1.08 4.52
CA THR C 98 7.53 -0.12 3.52
C THR C 98 6.44 0.92 3.33
N ILE C 99 6.78 2.00 2.64
CA ILE C 99 5.81 3.09 2.53
C ILE C 99 4.54 2.61 1.82
N SER C 100 4.68 1.70 0.86
CA SER C 100 3.51 1.15 0.16
C SER C 100 2.57 0.44 1.15
N LYS C 101 3.13 -0.37 2.03
CA LYS C 101 2.30 -1.07 3.01
C LYS C 101 1.71 -0.12 4.04
N VAL C 102 2.44 0.94 4.39
CA VAL C 102 1.90 1.95 5.30
C VAL C 102 0.71 2.64 4.67
N LEU C 103 0.81 3.01 3.38
CA LEU C 103 -0.31 3.68 2.73
C LEU C 103 -1.51 2.74 2.60
N LEU C 104 -1.27 1.48 2.25
CA LEU C 104 -2.38 0.52 2.19
C LEU C 104 -2.99 0.33 3.57
N SER C 105 -2.16 0.32 4.61
CA SER C 105 -2.66 0.20 5.98
C SER C 105 -3.58 1.37 6.32
N ILE C 106 -3.14 2.59 6.02
CA ILE C 106 -3.96 3.78 6.28
C ILE C 106 -5.24 3.71 5.45
N CYS C 107 -5.14 3.29 4.19
CA CYS C 107 -6.35 3.16 3.40
C CYS C 107 -7.35 2.21 4.06
N SER C 108 -6.87 1.08 4.59
CA SER C 108 -7.74 0.12 5.26
C SER C 108 -8.30 0.65 6.56
N LEU C 109 -7.69 1.69 7.12
CA LEU C 109 -8.27 2.33 8.30
C LEU C 109 -9.52 3.11 7.97
N LEU C 110 -9.68 3.55 6.73
CA LEU C 110 -10.78 4.47 6.41
C LEU C 110 -12.14 3.85 6.67
N CYS C 111 -12.34 2.58 6.28
CA CYS C 111 -13.59 1.88 6.56
C CYS C 111 -13.50 0.99 7.78
N ASP C 112 -12.42 1.11 8.54
CA ASP C 112 -12.24 0.35 9.78
C ASP C 112 -11.75 1.28 10.88
N PRO C 113 -12.56 2.25 11.28
CA PRO C 113 -12.16 3.15 12.34
C PRO C 113 -12.26 2.50 13.70
N ASN C 114 -11.63 3.14 14.66
CA ASN C 114 -11.77 2.79 16.08
C ASN C 114 -12.56 3.91 16.74
N PRO C 115 -13.90 3.82 16.78
CA PRO C 115 -14.67 4.90 17.39
C PRO C 115 -14.65 4.87 18.91
N ASP C 116 -14.11 3.81 19.51
CA ASP C 116 -14.08 3.68 20.97
C ASP C 116 -12.90 4.37 21.61
N ASP C 117 -11.83 4.59 20.84
CA ASP C 117 -10.67 5.36 21.28
C ASP C 117 -10.43 6.36 20.16
N PRO C 118 -11.23 7.42 20.06
CA PRO C 118 -11.18 8.24 18.86
C PRO C 118 -10.27 9.45 19.00
N LEU C 119 -9.84 9.96 17.84
CA LEU C 119 -9.17 11.24 17.81
C LEU C 119 -10.16 12.39 17.76
N VAL C 120 -11.30 12.18 17.10
CA VAL C 120 -12.34 13.20 16.97
C VAL C 120 -13.60 12.65 17.60
N PRO C 121 -13.85 12.94 18.87
CA PRO C 121 -14.97 12.29 19.56
C PRO C 121 -16.32 12.53 18.92
N GLU C 122 -16.58 13.75 18.42
CA GLU C 122 -17.89 14.04 17.83
C GLU C 122 -18.16 13.13 16.64
N ILE C 123 -17.15 12.92 15.80
CA ILE C 123 -17.31 12.05 14.63
C ILE C 123 -17.55 10.61 15.06
N ALA C 124 -16.85 10.16 16.10
CA ALA C 124 -17.02 8.80 16.58
C ALA C 124 -18.43 8.57 17.11
N ARG C 125 -19.01 9.54 17.82
CA ARG C 125 -20.39 9.38 18.32
C ARG C 125 -21.37 9.23 17.17
N ILE C 126 -21.18 10.00 16.09
CA ILE C 126 -22.06 9.90 14.93
C ILE C 126 -21.89 8.54 14.26
N TYR C 127 -20.64 8.08 14.14
CA TYR C 127 -20.40 6.78 13.53
C TYR C 127 -21.11 5.68 14.30
N LYS C 128 -21.11 5.77 15.63
CA LYS C 128 -21.69 4.72 16.46
C LYS C 128 -23.22 4.78 16.53
N THR C 129 -23.84 5.94 16.28
CA THR C 129 -25.27 6.08 16.49
C THR C 129 -26.09 6.26 15.22
N ASP C 130 -25.49 6.74 14.13
CA ASP C 130 -26.26 7.11 12.93
C ASP C 130 -25.33 6.94 11.74
N ARG C 131 -25.14 5.69 11.31
CA ARG C 131 -24.15 5.41 10.28
C ARG C 131 -24.53 6.07 8.96
N GLU C 132 -25.83 6.16 8.66
CA GLU C 132 -26.23 6.88 7.45
C GLU C 132 -25.83 8.35 7.52
N LYS C 133 -25.96 8.98 8.68
CA LYS C 133 -25.47 10.35 8.81
C LYS C 133 -23.97 10.42 8.66
N TYR C 134 -23.25 9.49 9.28
CA TYR C 134 -21.79 9.43 9.11
C TYR C 134 -21.43 9.32 7.65
N ASN C 135 -22.05 8.38 6.93
CA ASN C 135 -21.74 8.16 5.53
C ASN C 135 -22.05 9.40 4.70
N ARG C 136 -23.19 10.05 4.96
CA ARG C 136 -23.55 11.24 4.21
C ARG C 136 -22.49 12.33 4.36
N ILE C 137 -22.06 12.59 5.60
CA ILE C 137 -21.08 13.65 5.82
C ILE C 137 -19.74 13.27 5.20
N ALA C 138 -19.31 12.02 5.34
CA ALA C 138 -18.04 11.63 4.74
C ALA C 138 -18.11 11.74 3.23
N ARG C 139 -19.27 11.45 2.64
CA ARG C 139 -19.45 11.63 1.20
C ARG C 139 -19.37 13.10 0.83
N GLU C 140 -20.01 13.97 1.63
CA GLU C 140 -19.98 15.39 1.36
C GLU C 140 -18.56 15.95 1.43
N TRP C 141 -17.79 15.56 2.45
CA TRP C 141 -16.41 16.01 2.52
C TRP C 141 -15.57 15.46 1.36
N THR C 142 -15.83 14.22 0.93
CA THR C 142 -15.10 13.69 -0.23
C THR C 142 -15.35 14.55 -1.46
N GLN C 143 -16.61 14.96 -1.64
CA GLN C 143 -16.98 15.83 -2.77
C GLN C 143 -16.32 17.20 -2.66
N LYS C 144 -16.27 17.74 -1.45
CA LYS C 144 -15.80 19.11 -1.25
C LYS C 144 -14.29 19.24 -1.31
N TYR C 145 -13.57 18.19 -0.93
CA TYR C 145 -12.12 18.29 -0.74
C TYR C 145 -11.31 17.33 -1.60
N ALA C 146 -11.86 16.20 -2.03
CA ALA C 146 -11.08 15.12 -2.61
C ALA C 146 -11.43 14.84 -4.07
N MET C 147 -12.15 15.74 -4.73
CA MET C 147 -12.55 15.50 -6.11
C MET C 147 -12.19 16.66 -7.03
N GLY D 4 -8.54 -26.41 -2.04
CA GLY D 4 -9.02 -25.29 -2.82
C GLY D 4 -9.29 -25.62 -4.28
N SER D 5 -10.28 -24.94 -4.86
CA SER D 5 -10.65 -25.13 -6.26
C SER D 5 -10.24 -23.99 -7.18
N MET D 6 -9.73 -22.87 -6.64
CA MET D 6 -9.20 -21.80 -7.47
C MET D 6 -7.96 -21.25 -6.79
N GLN D 7 -7.25 -20.37 -7.52
CA GLN D 7 -6.03 -19.75 -7.01
C GLN D 7 -6.22 -18.25 -6.79
N ILE D 8 -5.65 -17.73 -5.71
CA ILE D 8 -5.53 -16.30 -5.49
C ILE D 8 -4.08 -16.02 -5.11
N PHE D 9 -3.72 -14.74 -5.16
CA PHE D 9 -2.37 -14.30 -4.82
C PHE D 9 -2.40 -13.43 -3.57
N VAL D 10 -1.34 -13.53 -2.79
CA VAL D 10 -1.15 -12.67 -1.61
C VAL D 10 0.21 -12.01 -1.72
N LYS D 11 0.24 -10.69 -1.62
CA LYS D 11 1.49 -9.95 -1.59
C LYS D 11 1.86 -9.82 -0.12
N THR D 12 2.92 -10.52 0.30
CA THR D 12 3.29 -10.59 1.71
C THR D 12 3.95 -9.29 2.15
N LEU D 13 4.31 -9.22 3.43
CA LEU D 13 4.81 -7.99 3.99
C LEU D 13 6.06 -7.49 3.26
N THR D 14 6.91 -8.42 2.82
CA THR D 14 8.15 -8.08 2.14
C THR D 14 7.98 -7.85 0.65
N GLY D 15 6.73 -7.92 0.15
CA GLY D 15 6.47 -7.72 -1.26
C GLY D 15 6.55 -8.98 -2.08
N LYS D 16 6.88 -10.12 -1.47
CA LYS D 16 6.85 -11.38 -2.18
C LYS D 16 5.42 -11.78 -2.46
N THR D 17 5.19 -12.31 -3.66
CA THR D 17 3.86 -12.75 -4.07
C THR D 17 3.78 -14.27 -4.00
N ILE D 18 2.88 -14.77 -3.16
CA ILE D 18 2.64 -16.20 -3.03
C ILE D 18 1.28 -16.52 -3.64
N THR D 19 1.09 -17.81 -3.97
CA THR D 19 -0.15 -18.30 -4.54
C THR D 19 -0.82 -19.25 -3.56
N LEU D 20 -2.12 -19.05 -3.34
CA LEU D 20 -2.89 -19.89 -2.45
C LEU D 20 -3.95 -20.62 -3.26
N GLU D 21 -4.24 -21.85 -2.87
CA GLU D 21 -5.39 -22.59 -3.40
C GLU D 21 -6.53 -22.44 -2.41
N VAL D 22 -7.65 -21.89 -2.87
CA VAL D 22 -8.81 -21.59 -2.03
C VAL D 22 -10.09 -21.97 -2.76
N GLU D 23 -11.17 -21.96 -2.02
CA GLU D 23 -12.51 -22.10 -2.54
C GLU D 23 -13.17 -20.73 -2.65
N PRO D 24 -14.11 -20.53 -3.58
CA PRO D 24 -14.81 -19.24 -3.64
C PRO D 24 -15.47 -18.87 -2.32
N SER D 25 -15.88 -19.86 -1.54
CA SER D 25 -16.57 -19.64 -0.28
C SER D 25 -15.65 -19.81 0.93
N ASP D 26 -14.34 -19.82 0.73
CA ASP D 26 -13.45 -19.92 1.87
C ASP D 26 -13.60 -18.71 2.77
N THR D 27 -13.52 -18.95 4.08
CA THR D 27 -13.54 -17.87 5.05
C THR D 27 -12.19 -17.17 5.10
N ILE D 28 -12.21 -15.92 5.53
CA ILE D 28 -10.96 -15.17 5.64
C ILE D 28 -10.02 -15.85 6.63
N GLU D 29 -10.57 -16.43 7.71
CA GLU D 29 -9.70 -17.12 8.68
C GLU D 29 -9.03 -18.33 8.06
N ASN D 30 -9.70 -19.02 7.14
CA ASN D 30 -9.06 -20.14 6.46
C ASN D 30 -7.91 -19.66 5.58
N VAL D 31 -8.08 -18.51 4.94
CA VAL D 31 -7.01 -17.92 4.13
C VAL D 31 -5.82 -17.59 5.01
N LYS D 32 -6.09 -16.97 6.17
CA LYS D 32 -5.02 -16.65 7.11
C LYS D 32 -4.32 -17.91 7.61
N ALA D 33 -5.06 -19.01 7.80
CA ALA D 33 -4.43 -20.26 8.21
C ALA D 33 -3.49 -20.78 7.14
N LYS D 34 -3.82 -20.56 5.86
CA LYS D 34 -2.93 -20.99 4.78
C LYS D 34 -1.67 -20.12 4.75
N ILE D 35 -1.83 -18.82 4.96
CA ILE D 35 -0.69 -17.92 5.04
C ILE D 35 0.19 -18.28 6.23
N GLN D 36 -0.42 -18.66 7.35
CA GLN D 36 0.36 -19.05 8.51
C GLN D 36 1.22 -20.28 8.20
N ASP D 37 0.69 -21.20 7.41
CA ASP D 37 1.44 -22.41 7.07
C ASP D 37 2.58 -22.12 6.11
N LYS D 38 2.40 -21.19 5.18
CA LYS D 38 3.42 -20.91 4.17
C LYS D 38 4.45 -19.90 4.63
N GLU D 39 4.07 -18.95 5.47
CA GLU D 39 4.93 -17.82 5.82
C GLU D 39 5.20 -17.70 7.31
N GLY D 40 4.51 -18.47 8.15
CA GLY D 40 4.78 -18.46 9.57
C GLY D 40 4.29 -17.23 10.31
N ILE D 41 3.24 -16.59 9.83
CA ILE D 41 2.67 -15.39 10.45
C ILE D 41 1.43 -15.83 11.24
N PRO D 42 1.37 -15.59 12.54
CA PRO D 42 0.15 -15.90 13.29
C PRO D 42 -1.04 -15.15 12.70
N PRO D 43 -2.20 -15.79 12.56
CA PRO D 43 -3.36 -15.09 12.00
C PRO D 43 -3.71 -13.80 12.73
N ASP D 44 -3.47 -13.74 14.06
CA ASP D 44 -3.79 -12.53 14.81
C ASP D 44 -2.94 -11.35 14.36
N GLN D 45 -1.82 -11.59 13.69
CA GLN D 45 -0.97 -10.51 13.21
C GLN D 45 -1.19 -10.21 11.74
N GLN D 46 -2.05 -10.95 11.06
CA GLN D 46 -2.29 -10.76 9.64
C GLN D 46 -3.45 -9.81 9.44
N ARG D 47 -3.26 -8.81 8.58
CA ARG D 47 -4.35 -7.97 8.12
C ARG D 47 -4.37 -8.04 6.60
N LEU D 48 -5.45 -8.57 6.05
CA LEU D 48 -5.58 -8.75 4.60
C LEU D 48 -6.42 -7.62 4.02
N ILE D 49 -5.98 -7.09 2.89
CA ILE D 49 -6.63 -5.93 2.26
C ILE D 49 -6.94 -6.26 0.82
N PHE D 50 -8.17 -5.96 0.40
CA PHE D 50 -8.55 -6.13 -0.99
C PHE D 50 -9.42 -4.95 -1.36
N ALA D 51 -9.13 -4.32 -2.50
CA ALA D 51 -9.89 -3.16 -2.97
C ALA D 51 -9.90 -2.04 -1.91
N GLY D 52 -8.81 -1.91 -1.17
CA GLY D 52 -8.67 -0.86 -0.19
C GLY D 52 -9.26 -1.14 1.17
N LYS D 53 -9.90 -2.29 1.37
CA LYS D 53 -10.61 -2.57 2.61
C LYS D 53 -10.06 -3.82 3.28
N GLN D 54 -10.07 -3.82 4.61
CA GLN D 54 -9.63 -5.00 5.34
C GLN D 54 -10.68 -6.11 5.25
N LEU D 55 -10.20 -7.34 5.21
CA LEU D 55 -11.09 -8.51 5.15
C LEU D 55 -11.29 -9.06 6.56
N GLU D 56 -12.56 -9.22 6.97
CA GLU D 56 -12.87 -9.59 8.35
C GLU D 56 -13.01 -11.09 8.49
N ASP D 57 -12.48 -11.62 9.60
CA ASP D 57 -12.74 -13.02 9.94
C ASP D 57 -14.23 -13.25 10.08
N GLY D 58 -14.67 -14.44 9.68
CA GLY D 58 -16.07 -14.77 9.66
C GLY D 58 -16.76 -14.52 8.34
N ARG D 59 -16.17 -13.71 7.47
CA ARG D 59 -16.68 -13.52 6.12
C ARG D 59 -15.94 -14.41 5.14
N THR D 60 -16.49 -14.54 3.94
CA THR D 60 -15.89 -15.38 2.91
C THR D 60 -15.33 -14.54 1.78
N LEU D 61 -14.51 -15.18 0.93
CA LEU D 61 -14.00 -14.50 -0.25
C LEU D 61 -15.12 -14.01 -1.15
N SER D 62 -16.16 -14.84 -1.34
CA SER D 62 -17.27 -14.43 -2.17
C SER D 62 -18.03 -13.25 -1.57
N ASP D 63 -18.00 -13.09 -0.23
CA ASP D 63 -18.61 -11.91 0.39
C ASP D 63 -17.99 -10.63 -0.14
N TYR D 64 -16.72 -10.67 -0.51
CA TYR D 64 -15.99 -9.51 -0.99
C TYR D 64 -15.83 -9.51 -2.51
N ASN D 65 -16.49 -10.43 -3.20
CA ASN D 65 -16.39 -10.58 -4.65
C ASN D 65 -14.94 -10.79 -5.08
N ILE D 66 -14.19 -11.51 -4.26
CA ILE D 66 -12.82 -11.88 -4.59
C ILE D 66 -12.88 -13.04 -5.57
N GLN D 67 -12.31 -12.86 -6.75
CA GLN D 67 -12.43 -13.82 -7.83
C GLN D 67 -11.11 -14.54 -8.02
N LYS D 68 -11.11 -15.52 -8.91
CA LYS D 68 -9.87 -16.23 -9.21
C LYS D 68 -8.81 -15.23 -9.64
N GLU D 69 -7.58 -15.44 -9.15
CA GLU D 69 -6.40 -14.66 -9.47
C GLU D 69 -6.46 -13.22 -8.96
N SER D 70 -7.34 -12.96 -7.99
CA SER D 70 -7.30 -11.71 -7.29
C SER D 70 -6.03 -11.66 -6.47
N THR D 71 -5.56 -10.44 -6.18
CA THR D 71 -4.39 -10.24 -5.33
C THR D 71 -4.84 -9.58 -4.05
N LEU D 72 -4.56 -10.22 -2.92
CA LEU D 72 -4.81 -9.64 -1.60
C LEU D 72 -3.48 -9.08 -1.09
N HIS D 73 -3.54 -7.96 -0.39
CA HIS D 73 -2.33 -7.35 0.14
C HIS D 73 -2.26 -7.61 1.63
N LEU D 74 -1.14 -8.16 2.09
CA LEU D 74 -0.97 -8.47 3.50
C LEU D 74 -0.20 -7.35 4.20
N VAL D 75 -0.76 -6.86 5.30
CA VAL D 75 -0.06 -5.91 6.14
C VAL D 75 -0.12 -6.45 7.57
N LEU D 76 0.37 -5.66 8.52
CA LEU D 76 0.39 -6.09 9.90
C LEU D 76 -0.87 -5.61 10.59
N ARG D 77 -1.30 -6.38 11.58
CA ARG D 77 -2.40 -5.96 12.42
C ARG D 77 -2.21 -4.53 12.88
N LEU D 78 -3.28 -3.74 12.82
CA LEU D 78 -3.22 -2.35 13.22
C LEU D 78 -4.50 -1.99 13.94
N ARG D 79 -4.47 -0.84 14.61
CA ARG D 79 -5.64 -0.29 15.31
C ARG D 79 -5.55 1.22 15.27
N GLY D 80 -6.59 1.87 14.74
CA GLY D 80 -6.72 3.29 14.91
C GLY D 80 -6.94 3.64 16.37
N GLY D 81 -6.71 4.90 16.69
CA GLY D 81 -6.95 5.35 18.04
C GLY D 81 -6.93 6.85 18.13
#